data_4KSP
#
_entry.id   4KSP
#
_cell.length_a   111.495
_cell.length_b   111.495
_cell.length_c   145.487
_cell.angle_alpha   90.000
_cell.angle_beta   90.000
_cell.angle_gamma   90.000
#
_symmetry.space_group_name_H-M   'P 41 21 2'
#
loop_
_entity.id
_entity.type
_entity.pdbx_description
1 polymer 'Serine/threonine-protein kinase B-raf'
2 non-polymer N-{7-cyano-6-[4-fluoro-3-({[3-(trifluoromethyl)phenyl]acetyl}amino)phenoxy]-1,3-benzothiazol-2-yl}cyclopropanecarboxamide
3 water water
#
_entity_poly.entity_id   1
_entity_poly.type   'polypeptide(L)'
_entity_poly.pdbx_seq_one_letter_code
;GSDSSDDWEIPDGQITVGQRIGSGSFGTVYKGKWHGDVAVKMLNVTAPTPQQLQAFKNEVGVLRKTRHVNILLFMGYSTK
PQLAIVTQWCEGSSLYHHLHIIETKFEMIKLIDIARQTAQGMDYLHAKSIIHRDLKSNNIFLHEDLTVKIGDFGLATVKS
RWSGSHQFEQLSGSILWMAPEVIRMQDKNPYSFQSDVYAFGIVLYELMTGQLPYSNINNRDQIIFMVGRGYLSPDLSKVR
SNCPKAMKRLMAECLKKKRDERPLFPQILASIELLARSLPKIHR
;
_entity_poly.pdbx_strand_id   A,B
#
# COMPACT_ATOMS: atom_id res chain seq x y z
N ASP A 6 4.50 -20.08 -0.10
CA ASP A 6 4.89 -18.78 -0.77
C ASP A 6 6.40 -18.59 -0.85
N ASP A 7 6.82 -17.74 -1.78
CA ASP A 7 8.22 -17.40 -1.95
C ASP A 7 8.32 -16.08 -2.71
N TRP A 8 9.09 -15.14 -2.15
CA TRP A 8 9.16 -13.82 -2.73
C TRP A 8 10.49 -13.57 -3.40
N GLU A 9 11.21 -14.63 -3.75
CA GLU A 9 12.42 -14.46 -4.53
C GLU A 9 12.04 -13.95 -5.90
N ILE A 10 12.82 -13.00 -6.40
CA ILE A 10 12.63 -12.40 -7.70
C ILE A 10 13.69 -13.01 -8.62
N PRO A 11 13.29 -13.57 -9.77
CA PRO A 11 14.34 -14.10 -10.67
C PRO A 11 15.28 -13.00 -11.13
N ASP A 12 16.49 -13.40 -11.50
CA ASP A 12 17.54 -12.43 -11.87
C ASP A 12 17.21 -11.72 -13.18
N GLY A 13 17.83 -10.55 -13.36
CA GLY A 13 17.67 -9.77 -14.57
C GLY A 13 16.27 -9.29 -14.84
N GLN A 14 15.48 -9.16 -13.78
CA GLN A 14 14.16 -8.52 -13.86
C GLN A 14 14.23 -7.12 -13.31
N ILE A 15 15.02 -6.93 -12.26
CA ILE A 15 15.20 -5.65 -11.63
C ILE A 15 16.20 -4.81 -12.41
N THR A 16 15.78 -3.63 -12.84
CA THR A 16 16.67 -2.63 -13.43
C THR A 16 17.00 -1.62 -12.34
N VAL A 17 18.28 -1.28 -12.22
CA VAL A 17 18.74 -0.35 -11.19
C VAL A 17 18.97 1.04 -11.78
N GLY A 18 18.35 2.05 -11.17
CA GLY A 18 18.45 3.44 -11.62
C GLY A 18 19.39 4.26 -10.75
N GLN A 19 18.98 5.49 -10.45
CA GLN A 19 19.86 6.43 -9.75
C GLN A 19 20.08 6.06 -8.30
N ARG A 20 21.31 6.23 -7.82
CA ARG A 20 21.64 5.98 -6.42
C ARG A 20 20.85 6.95 -5.53
N ILE A 21 20.50 6.53 -4.33
CA ILE A 21 19.75 7.37 -3.40
C ILE A 21 20.50 7.58 -2.07
N GLY A 22 21.17 6.55 -1.56
CA GLY A 22 21.91 6.65 -0.31
C GLY A 22 22.86 5.49 -0.09
N SER A 23 24.00 5.75 0.52
CA SER A 23 25.09 4.79 0.54
C SER A 23 25.64 4.64 1.97
N GLY A 24 25.92 3.39 2.36
CA GLY A 24 26.60 3.08 3.64
C GLY A 24 26.77 1.57 3.78
N SER A 25 27.86 1.11 4.42
CA SER A 25 28.22 -0.33 4.38
C SER A 25 27.10 -1.37 4.70
N PHE A 26 26.00 -0.94 5.35
CA PHE A 26 24.83 -1.84 5.56
C PHE A 26 24.01 -2.04 4.28
N GLY A 27 24.48 -1.44 3.17
CA GLY A 27 23.83 -1.53 1.87
C GLY A 27 23.80 -0.22 1.09
N THR A 28 23.34 -0.30 -0.16
CA THR A 28 23.15 0.86 -1.04
C THR A 28 21.71 0.87 -1.56
N VAL A 29 21.10 2.05 -1.63
CA VAL A 29 19.69 2.16 -2.00
C VAL A 29 19.52 2.86 -3.34
N TYR A 30 18.86 2.18 -4.28
CA TYR A 30 18.63 2.72 -5.61
C TYR A 30 17.16 2.81 -5.93
N LYS A 31 16.78 3.78 -6.76
CA LYS A 31 15.47 3.78 -7.38
C LYS A 31 15.58 2.82 -8.54
N GLY A 32 14.62 1.92 -8.66
CA GLY A 32 14.68 0.91 -9.71
C GLY A 32 13.33 0.67 -10.35
N LYS A 33 13.34 -0.20 -11.35
CA LYS A 33 12.13 -0.60 -12.06
C LYS A 33 11.92 -2.10 -11.84
N TRP A 34 10.76 -2.45 -11.29
CA TRP A 34 10.27 -3.82 -11.25
C TRP A 34 8.78 -3.77 -11.04
N HIS A 35 8.05 -3.97 -12.13
CA HIS A 35 6.61 -3.78 -12.19
C HIS A 35 6.28 -2.41 -11.64
N GLY A 36 6.90 -1.41 -12.29
CA GLY A 36 6.80 -0.01 -11.86
C GLY A 36 8.00 0.42 -11.02
N ASP A 37 7.85 1.52 -10.30
CA ASP A 37 8.92 2.09 -9.50
C ASP A 37 9.09 1.35 -8.19
N VAL A 38 10.33 1.00 -7.88
CA VAL A 38 10.67 0.39 -6.61
C VAL A 38 11.89 1.03 -5.98
N ALA A 39 12.05 0.83 -4.68
CA ALA A 39 13.30 1.06 -4.01
C ALA A 39 14.00 -0.30 -3.89
N VAL A 40 15.33 -0.28 -3.98
CA VAL A 40 16.15 -1.49 -3.99
C VAL A 40 17.36 -1.31 -3.06
N LYS A 41 17.39 -2.05 -1.95
CA LYS A 41 18.55 -2.04 -1.04
C LYS A 41 19.47 -3.17 -1.44
N MET A 42 20.75 -2.90 -1.60
CA MET A 42 21.72 -3.90 -2.08
C MET A 42 22.98 -3.95 -1.20
N LEU A 43 23.62 -5.11 -1.11
CA LEU A 43 24.97 -5.18 -0.55
C LEU A 43 25.96 -5.04 -1.70
N ASN A 44 26.83 -4.04 -1.61
CA ASN A 44 27.77 -3.75 -2.69
C ASN A 44 29.10 -4.48 -2.53
N VAL A 45 29.05 -5.80 -2.68
CA VAL A 45 30.26 -6.63 -2.68
C VAL A 45 30.05 -7.86 -3.55
N THR A 46 31.16 -8.52 -3.89
CA THR A 46 31.10 -9.77 -4.65
C THR A 46 30.59 -10.91 -3.75
N ALA A 47 31.42 -11.38 -2.80
CA ALA A 47 31.04 -12.45 -1.86
C ALA A 47 30.67 -11.88 -0.47
N PRO A 48 29.40 -12.04 -0.03
CA PRO A 48 28.98 -11.51 1.28
C PRO A 48 29.47 -12.34 2.47
N THR A 49 29.59 -11.70 3.64
CA THR A 49 30.07 -12.37 4.85
C THR A 49 28.96 -13.19 5.53
N PRO A 50 29.33 -14.05 6.50
CA PRO A 50 28.31 -14.71 7.32
C PRO A 50 27.42 -13.77 8.15
N GLN A 51 27.94 -12.62 8.60
CA GLN A 51 27.15 -11.66 9.40
C GLN A 51 26.17 -10.83 8.58
N GLN A 52 26.55 -10.53 7.34
CA GLN A 52 25.68 -9.78 6.43
C GLN A 52 24.57 -10.66 5.87
N LEU A 53 24.88 -11.93 5.62
CA LEU A 53 23.87 -12.87 5.12
C LEU A 53 22.81 -13.15 6.19
N GLN A 54 23.24 -13.28 7.43
CA GLN A 54 22.32 -13.53 8.52
C GLN A 54 21.35 -12.38 8.69
N ALA A 55 21.89 -11.16 8.69
CA ALA A 55 21.09 -9.94 8.90
C ALA A 55 20.13 -9.62 7.76
N PHE A 56 20.45 -10.12 6.56
CA PHE A 56 19.59 -10.01 5.38
C PHE A 56 18.37 -10.90 5.57
N LYS A 57 18.60 -12.16 5.91
CA LYS A 57 17.53 -13.10 6.26
C LYS A 57 16.68 -12.63 7.45
N ASN A 58 17.30 -11.89 8.37
CA ASN A 58 16.57 -11.34 9.50
C ASN A 58 15.68 -10.19 9.12
N GLU A 59 16.17 -9.34 8.21
CA GLU A 59 15.39 -8.20 7.71
C GLU A 59 14.19 -8.71 6.91
N VAL A 60 14.46 -9.59 5.96
CA VAL A 60 13.42 -10.17 5.11
C VAL A 60 12.40 -10.96 5.96
N GLY A 61 12.89 -11.69 6.96
CA GLY A 61 12.01 -12.44 7.85
C GLY A 61 11.03 -11.57 8.62
N VAL A 62 11.42 -10.33 8.90
CA VAL A 62 10.55 -9.39 9.59
C VAL A 62 9.58 -8.77 8.60
N LEU A 63 10.10 -8.34 7.46
CA LEU A 63 9.31 -7.61 6.48
C LEU A 63 8.15 -8.41 5.92
N ARG A 64 8.39 -9.71 5.68
CA ARG A 64 7.36 -10.58 5.13
C ARG A 64 6.25 -10.86 6.13
N LYS A 65 6.50 -10.63 7.42
CA LYS A 65 5.45 -10.71 8.44
C LYS A 65 4.55 -9.47 8.51
N THR A 66 4.75 -8.48 7.65
CA THR A 66 3.97 -7.23 7.70
C THR A 66 3.18 -6.90 6.44
N ARG A 67 1.91 -6.57 6.65
CA ARG A 67 1.02 -6.10 5.60
C ARG A 67 0.04 -5.06 6.17
N HIS A 68 0.39 -3.78 6.02
CA HIS A 68 -0.42 -2.72 6.59
C HIS A 68 -0.13 -1.40 5.89
N VAL A 69 -1.16 -0.59 5.64
CA VAL A 69 -1.01 0.64 4.86
C VAL A 69 0.05 1.60 5.39
N ASN A 70 0.22 1.60 6.70
CA ASN A 70 1.17 2.50 7.36
C ASN A 70 2.57 1.92 7.51
N ILE A 71 2.82 0.77 6.88
CA ILE A 71 4.16 0.19 6.86
C ILE A 71 4.63 0.05 5.41
N LEU A 72 5.84 0.54 5.15
CA LEU A 72 6.46 0.40 3.86
C LEU A 72 6.26 -1.00 3.34
N LEU A 73 5.67 -1.11 2.15
CA LEU A 73 5.32 -2.39 1.57
C LEU A 73 6.51 -3.18 1.06
N PHE A 74 6.81 -4.29 1.73
CA PHE A 74 7.80 -5.23 1.22
C PHE A 74 7.29 -5.85 -0.07
N MET A 75 8.14 -5.94 -1.11
CA MET A 75 7.72 -6.55 -2.39
C MET A 75 8.48 -7.83 -2.73
N GLY A 76 9.77 -7.88 -2.42
CA GLY A 76 10.54 -9.11 -2.61
C GLY A 76 12.02 -9.00 -2.30
N TYR A 77 12.75 -10.07 -2.59
CA TYR A 77 14.22 -10.08 -2.47
C TYR A 77 14.88 -10.78 -3.64
N SER A 78 16.17 -10.55 -3.80
CA SER A 78 16.98 -11.32 -4.73
C SER A 78 18.30 -11.63 -4.04
N THR A 79 18.85 -12.79 -4.34
CA THR A 79 20.21 -13.14 -3.94
C THR A 79 21.06 -13.51 -5.15
N LYS A 80 20.44 -13.58 -6.33
CA LYS A 80 21.03 -14.28 -7.48
C LYS A 80 22.28 -13.59 -8.03
N PRO A 81 22.17 -12.33 -8.49
CA PRO A 81 23.43 -11.64 -8.79
C PRO A 81 24.07 -11.10 -7.50
N GLN A 82 23.30 -10.40 -6.69
CA GLN A 82 23.75 -9.91 -5.40
C GLN A 82 22.58 -9.90 -4.44
N LEU A 83 22.85 -9.59 -3.18
CA LEU A 83 21.80 -9.50 -2.17
C LEU A 83 21.04 -8.22 -2.35
N ALA A 84 19.71 -8.32 -2.38
CA ALA A 84 18.86 -7.17 -2.64
C ALA A 84 17.48 -7.31 -1.99
N ILE A 85 16.95 -6.22 -1.45
CA ILE A 85 15.59 -6.15 -0.92
C ILE A 85 14.80 -5.06 -1.62
N VAL A 86 13.60 -5.40 -2.09
CA VAL A 86 12.83 -4.51 -2.92
C VAL A 86 11.58 -4.09 -2.16
N THR A 87 11.29 -2.80 -2.18
CA THR A 87 10.08 -2.28 -1.55
C THR A 87 9.43 -1.30 -2.51
N GLN A 88 8.21 -0.88 -2.16
CA GLN A 88 7.53 0.15 -2.92
C GLN A 88 8.37 1.41 -2.95
N TRP A 89 8.21 2.20 -3.99
CA TRP A 89 8.90 3.49 -4.11
C TRP A 89 7.99 4.58 -3.64
N CYS A 90 8.29 5.16 -2.48
CA CYS A 90 7.48 6.27 -1.98
C CYS A 90 7.76 7.53 -2.75
N GLU A 91 6.68 8.21 -3.17
CA GLU A 91 6.78 9.57 -3.71
C GLU A 91 6.57 10.58 -2.57
N GLY A 92 7.52 11.50 -2.39
CA GLY A 92 7.42 12.53 -1.36
C GLY A 92 8.70 12.74 -0.55
N SER A 93 8.57 12.75 0.77
CA SER A 93 9.69 13.03 1.64
C SER A 93 9.55 12.34 2.97
N SER A 94 10.69 12.09 3.61
CA SER A 94 10.66 11.68 4.99
C SER A 94 10.13 12.85 5.79
N LEU A 95 9.59 12.54 6.96
CA LEU A 95 9.16 13.53 7.93
C LEU A 95 10.34 14.44 8.25
N TYR A 96 11.49 13.85 8.60
CA TYR A 96 12.74 14.59 8.83
C TYR A 96 13.00 15.63 7.75
N HIS A 97 12.76 15.28 6.50
CA HIS A 97 13.07 16.20 5.42
C HIS A 97 12.13 17.38 5.46
N HIS A 98 10.84 17.11 5.62
CA HIS A 98 9.80 18.14 5.76
C HIS A 98 10.07 19.10 6.92
N LEU A 99 10.30 18.53 8.10
CA LEU A 99 10.42 19.29 9.34
C LEU A 99 11.73 20.04 9.53
N HIS A 100 12.83 19.47 9.08
CA HIS A 100 14.15 20.01 9.42
C HIS A 100 15.02 20.42 8.24
N ILE A 101 14.57 20.20 7.02
CA ILE A 101 15.38 20.55 5.87
C ILE A 101 14.66 21.63 5.08
N ILE A 102 13.50 21.28 4.51
CA ILE A 102 12.70 22.26 3.78
C ILE A 102 11.69 22.98 4.67
N GLU A 103 11.56 22.52 5.92
CA GLU A 103 10.77 23.22 6.96
C GLU A 103 9.31 23.44 6.55
N THR A 104 8.66 22.41 6.03
CA THR A 104 7.24 22.48 5.74
C THR A 104 6.48 22.83 7.02
N LYS A 105 5.51 23.74 6.91
CA LYS A 105 4.67 24.05 8.05
C LYS A 105 3.26 23.50 7.81
N PHE A 106 2.93 22.42 8.50
CA PHE A 106 1.64 21.76 8.38
C PHE A 106 0.62 22.41 9.30
N GLU A 107 -0.65 22.25 8.97
CA GLU A 107 -1.71 22.68 9.86
C GLU A 107 -1.78 21.70 11.03
N MET A 108 -2.09 22.21 12.21
CA MET A 108 -2.18 21.39 13.42
C MET A 108 -3.03 20.14 13.23
N ILE A 109 -4.10 20.28 12.46
CA ILE A 109 -4.99 19.17 12.15
C ILE A 109 -4.21 18.05 11.44
N LYS A 110 -3.28 18.46 10.58
CA LYS A 110 -2.47 17.54 9.79
C LYS A 110 -1.38 16.88 10.63
N LEU A 111 -0.68 17.67 11.45
CA LEU A 111 0.33 17.15 12.35
C LEU A 111 -0.22 16.05 13.23
N ILE A 112 -1.44 16.26 13.73
CA ILE A 112 -2.12 15.27 14.57
C ILE A 112 -2.45 14.02 13.75
N ASP A 113 -2.81 14.20 12.48
CA ASP A 113 -3.09 13.05 11.63
C ASP A 113 -1.85 12.22 11.40
N ILE A 114 -0.76 12.90 11.05
CA ILE A 114 0.50 12.24 10.87
C ILE A 114 0.84 11.44 12.10
N ALA A 115 0.65 12.04 13.27
CA ALA A 115 0.90 11.36 14.54
C ALA A 115 0.05 10.11 14.71
N ARG A 116 -1.23 10.21 14.36
CA ARG A 116 -2.18 9.11 14.47
C ARG A 116 -1.77 7.93 13.62
N GLN A 117 -1.30 8.22 12.42
CA GLN A 117 -0.94 7.17 11.51
C GLN A 117 0.33 6.49 11.99
N THR A 118 1.34 7.27 12.33
CA THR A 118 2.57 6.70 12.87
C THR A 118 2.26 5.76 14.04
N ALA A 119 1.33 6.18 14.89
CA ALA A 119 0.90 5.37 16.03
C ALA A 119 0.16 4.11 15.56
N GLN A 120 -0.65 4.26 14.52
CA GLN A 120 -1.39 3.16 13.94
C GLN A 120 -0.45 2.05 13.49
N GLY A 121 0.61 2.44 12.79
CA GLY A 121 1.60 1.50 12.27
C GLY A 121 2.35 0.77 13.37
N MET A 122 2.74 1.50 14.40
CA MET A 122 3.45 0.90 15.53
C MET A 122 2.55 -0.06 16.28
N ASP A 123 1.29 0.33 16.49
CA ASP A 123 0.33 -0.58 17.11
C ASP A 123 0.38 -1.93 16.40
N TYR A 124 0.38 -1.90 15.07
CA TYR A 124 0.41 -3.11 14.24
C TYR A 124 1.67 -3.94 14.48
N LEU A 125 2.83 -3.29 14.50
CA LEU A 125 4.10 -4.00 14.69
C LEU A 125 4.20 -4.64 16.08
N HIS A 126 3.84 -3.90 17.11
CA HIS A 126 3.88 -4.42 18.45
C HIS A 126 2.90 -5.55 18.65
N ALA A 127 1.81 -5.53 17.89
CA ALA A 127 0.84 -6.62 17.92
C ALA A 127 1.45 -7.89 17.30
N LYS A 128 2.28 -7.70 16.27
CA LYS A 128 3.06 -8.78 15.65
C LYS A 128 4.32 -9.19 16.44
N SER A 129 4.60 -8.53 17.56
CA SER A 129 5.84 -8.73 18.34
C SER A 129 7.09 -8.24 17.60
N ILE A 130 6.95 -7.20 16.81
CA ILE A 130 8.07 -6.57 16.18
C ILE A 130 8.39 -5.31 16.95
N ILE A 131 9.62 -5.23 17.46
CA ILE A 131 10.15 -4.02 18.08
C ILE A 131 11.00 -3.34 17.01
N HIS A 132 10.72 -2.07 16.73
CA HIS A 132 11.39 -1.39 15.63
C HIS A 132 12.87 -1.08 15.91
N ARG A 133 13.16 -0.62 17.13
CA ARG A 133 14.51 -0.28 17.62
C ARG A 133 15.14 1.00 17.05
N ASP A 134 14.64 1.53 15.93
CA ASP A 134 15.23 2.74 15.34
C ASP A 134 14.18 3.69 14.73
N LEU A 135 13.07 3.87 15.43
CA LEU A 135 12.02 4.76 14.96
C LEU A 135 12.54 6.17 15.12
N LYS A 136 12.33 7.00 14.11
CA LYS A 136 12.71 8.41 14.15
C LYS A 136 12.21 9.07 12.89
N SER A 137 12.21 10.39 12.88
CA SER A 137 11.53 11.12 11.83
C SER A 137 12.09 10.80 10.45
N ASN A 138 13.31 10.30 10.38
CA ASN A 138 13.92 10.00 9.09
C ASN A 138 13.50 8.65 8.54
N ASN A 139 12.88 7.81 9.36
CA ASN A 139 12.40 6.50 8.88
C ASN A 139 10.88 6.49 8.81
N ILE A 140 10.29 7.66 8.64
CA ILE A 140 8.86 7.81 8.44
C ILE A 140 8.68 8.63 7.18
N PHE A 141 8.17 7.97 6.14
CA PHE A 141 7.96 8.61 4.85
C PHE A 141 6.52 9.16 4.77
N LEU A 142 6.34 10.27 4.05
CA LEU A 142 5.06 10.96 3.94
C LEU A 142 4.56 10.74 2.54
N HIS A 143 4.06 9.54 2.29
CA HIS A 143 3.81 9.09 0.94
C HIS A 143 2.74 9.92 0.27
N GLU A 144 2.99 10.30 -0.98
CA GLU A 144 2.09 11.16 -1.74
C GLU A 144 1.51 12.28 -0.89
N ASP A 145 2.36 12.80 0.02
CA ASP A 145 2.01 13.84 0.98
C ASP A 145 0.82 13.53 1.89
N LEU A 146 0.44 12.27 2.04
CA LEU A 146 -0.83 11.91 2.72
C LEU A 146 -0.69 10.78 3.72
N THR A 147 -0.18 9.63 3.28
CA THR A 147 -0.11 8.44 4.12
C THR A 147 1.28 8.24 4.69
N VAL A 148 1.35 7.94 5.97
CA VAL A 148 2.61 7.61 6.62
C VAL A 148 3.09 6.20 6.29
N LYS A 149 4.36 6.06 5.95
CA LYS A 149 4.98 4.76 5.78
C LYS A 149 6.18 4.63 6.72
N ILE A 150 6.05 3.75 7.71
CA ILE A 150 7.16 3.44 8.58
C ILE A 150 8.07 2.46 7.86
N GLY A 151 9.37 2.70 7.92
CA GLY A 151 10.36 1.85 7.27
C GLY A 151 11.65 1.87 8.06
N ASP A 152 12.77 1.72 7.37
CA ASP A 152 14.11 1.89 7.97
C ASP A 152 15.16 2.28 6.91
N PHE A 153 15.31 3.59 6.72
CA PHE A 153 16.12 4.13 5.62
C PHE A 153 17.59 4.42 5.99
N GLY A 154 18.01 4.05 7.21
CA GLY A 154 19.40 4.18 7.66
C GLY A 154 20.45 3.68 6.66
N GLY A 173 25.08 5.98 15.74
CA GLY A 173 23.72 5.77 16.24
C GLY A 173 22.90 7.06 16.39
N SER A 174 21.59 6.90 16.64
CA SER A 174 20.63 8.02 16.66
C SER A 174 20.11 8.37 18.03
N ILE A 175 20.85 9.26 18.66
CA ILE A 175 20.85 9.47 20.09
C ILE A 175 19.61 10.19 20.58
N LEU A 176 19.12 11.13 19.80
CA LEU A 176 18.06 12.04 20.23
C LEU A 176 16.76 11.24 20.46
N TRP A 177 16.61 10.12 19.77
CA TRP A 177 15.40 9.32 19.92
C TRP A 177 15.53 8.19 20.93
N MET A 178 16.66 8.10 21.62
CA MET A 178 16.99 6.97 22.46
C MET A 178 16.57 7.22 23.92
N ALA A 179 15.82 6.27 24.48
CA ALA A 179 15.40 6.33 25.88
C ALA A 179 16.56 6.11 26.83
N PRO A 180 16.45 6.63 28.05
CA PRO A 180 17.53 6.52 29.02
C PRO A 180 18.03 5.09 29.19
N GLU A 181 17.11 4.14 29.33
CA GLU A 181 17.54 2.79 29.64
C GLU A 181 18.36 2.20 28.46
N VAL A 182 18.12 2.70 27.26
CA VAL A 182 18.91 2.27 26.10
C VAL A 182 20.26 2.97 26.10
N ILE A 183 20.24 4.27 26.35
CA ILE A 183 21.46 5.05 26.45
C ILE A 183 22.37 4.52 27.54
N ARG A 184 21.80 4.26 28.72
CA ARG A 184 22.58 3.72 29.84
C ARG A 184 23.10 2.32 29.51
N MET A 185 22.46 1.64 28.57
CA MET A 185 22.76 0.24 28.25
C MET A 185 22.69 -0.61 29.52
N GLN A 186 23.84 -0.92 30.10
CA GLN A 186 23.90 -1.80 31.26
C GLN A 186 23.29 -3.17 30.95
N ASP A 187 21.98 -3.18 30.66
CA ASP A 187 21.26 -4.41 30.35
C ASP A 187 21.59 -4.87 28.92
N LYS A 188 21.76 -6.17 28.71
CA LYS A 188 22.03 -6.74 27.37
C LYS A 188 20.92 -6.42 26.38
N ASN A 189 19.67 -6.40 26.85
CA ASN A 189 18.53 -6.02 26.01
C ASN A 189 17.64 -4.99 26.73
N PRO A 190 17.94 -3.69 26.52
CA PRO A 190 17.16 -2.59 27.07
C PRO A 190 15.95 -2.19 26.21
N TYR A 191 15.87 -2.76 25.01
CA TYR A 191 14.81 -2.48 24.06
C TYR A 191 13.53 -3.17 24.48
N SER A 192 12.42 -2.49 24.28
CA SER A 192 11.13 -2.91 24.77
C SER A 192 10.09 -2.19 23.92
N PHE A 193 8.82 -2.54 24.05
CA PHE A 193 7.79 -1.74 23.40
C PHE A 193 7.90 -0.31 23.91
N GLN A 194 8.25 -0.16 25.19
CA GLN A 194 8.36 1.15 25.78
C GLN A 194 9.53 1.99 25.27
N SER A 195 10.58 1.36 24.75
CA SER A 195 11.66 2.14 24.15
C SER A 195 11.15 2.78 22.86
N ASP A 196 10.46 2.00 22.04
CA ASP A 196 9.83 2.51 20.82
C ASP A 196 8.84 3.65 21.13
N VAL A 197 8.13 3.52 22.25
CA VAL A 197 7.21 4.56 22.69
C VAL A 197 8.02 5.83 22.94
N TYR A 198 9.13 5.72 23.64
CA TYR A 198 9.96 6.89 23.89
C TYR A 198 10.36 7.52 22.55
N ALA A 199 10.85 6.69 21.63
CA ALA A 199 11.22 7.20 20.30
C ALA A 199 10.05 7.96 19.68
N PHE A 200 8.87 7.34 19.73
CA PHE A 200 7.64 7.94 19.24
C PHE A 200 7.43 9.30 19.89
N GLY A 201 7.67 9.36 21.19
CA GLY A 201 7.55 10.60 21.95
C GLY A 201 8.46 11.72 21.45
N ILE A 202 9.64 11.37 20.97
CA ILE A 202 10.53 12.36 20.40
C ILE A 202 10.02 12.77 19.01
N VAL A 203 9.36 11.88 18.28
CA VAL A 203 8.77 12.26 17.01
C VAL A 203 7.65 13.25 17.25
N LEU A 204 6.76 12.95 18.19
CA LEU A 204 5.73 13.92 18.54
C LEU A 204 6.35 15.29 18.82
N TYR A 205 7.48 15.30 19.49
CA TYR A 205 8.17 16.56 19.79
C TYR A 205 8.57 17.26 18.50
N GLU A 206 9.14 16.52 17.56
CA GLU A 206 9.49 17.09 16.27
C GLU A 206 8.25 17.63 15.55
N LEU A 207 7.14 16.90 15.60
CA LEU A 207 5.91 17.35 14.94
C LEU A 207 5.37 18.64 15.57
N MET A 208 5.24 18.67 16.88
CA MET A 208 4.63 19.81 17.58
C MET A 208 5.52 21.07 17.71
N THR A 209 6.86 20.91 17.68
CA THR A 209 7.78 22.06 17.76
C THR A 209 8.42 22.43 16.43
N GLY A 210 8.39 21.52 15.47
CA GLY A 210 9.14 21.66 14.22
C GLY A 210 10.66 21.68 14.39
N GLN A 211 11.16 21.04 15.46
CA GLN A 211 12.60 21.08 15.79
C GLN A 211 13.09 19.78 16.42
N LEU A 212 14.40 19.55 16.33
CA LEU A 212 15.05 18.45 17.06
C LEU A 212 15.26 18.88 18.51
N PRO A 213 15.21 17.93 19.46
CA PRO A 213 15.42 18.31 20.85
C PRO A 213 16.89 18.61 21.11
N TYR A 214 17.16 19.31 22.22
CA TYR A 214 18.52 19.60 22.68
C TYR A 214 19.31 20.39 21.65
N SER A 215 18.64 21.36 21.06
CA SER A 215 19.20 22.19 20.01
C SER A 215 20.19 23.21 20.57
N ASN A 216 20.13 23.50 21.86
CA ASN A 216 21.07 24.44 22.49
C ASN A 216 22.38 23.79 22.98
N ILE A 217 22.57 22.51 22.66
CA ILE A 217 23.74 21.77 23.09
C ILE A 217 24.42 21.17 21.88
N ASN A 218 25.71 21.47 21.72
CA ASN A 218 26.46 21.06 20.54
C ASN A 218 27.46 19.95 20.82
N ASN A 219 27.24 19.22 21.90
CA ASN A 219 28.17 18.17 22.31
C ASN A 219 27.43 16.87 22.53
N ARG A 220 27.77 15.89 21.72
CA ARG A 220 27.12 14.58 21.75
C ARG A 220 27.37 13.83 23.07
N ASP A 221 28.59 13.90 23.58
CA ASP A 221 28.89 13.16 24.79
C ASP A 221 28.08 13.64 25.97
N GLN A 222 27.91 14.95 26.09
CA GLN A 222 27.18 15.49 27.19
C GLN A 222 25.72 15.09 27.09
N ILE A 223 25.17 15.14 25.89
CA ILE A 223 23.77 14.80 25.72
C ILE A 223 23.55 13.36 26.18
N ILE A 224 24.51 12.49 25.88
CA ILE A 224 24.39 11.08 26.21
C ILE A 224 24.41 10.92 27.71
N PHE A 225 25.42 11.53 28.32
CA PHE A 225 25.59 11.50 29.76
C PHE A 225 24.40 12.09 30.53
N MET A 226 23.90 13.22 30.05
CA MET A 226 22.82 13.91 30.71
C MET A 226 21.46 13.20 30.56
N VAL A 227 21.17 12.67 29.38
CA VAL A 227 19.92 11.91 29.19
C VAL A 227 19.99 10.63 30.03
N GLY A 228 21.14 9.96 30.01
CA GLY A 228 21.33 8.73 30.79
C GLY A 228 21.08 8.93 32.27
N ARG A 229 21.52 10.06 32.80
CA ARG A 229 21.44 10.40 34.23
C ARG A 229 20.13 11.09 34.64
N GLY A 230 19.34 11.52 33.66
CA GLY A 230 18.09 12.23 33.94
C GLY A 230 18.21 13.73 34.10
N TYR A 231 19.38 14.30 33.86
CA TYR A 231 19.54 15.74 34.00
C TYR A 231 18.95 16.54 32.83
N LEU A 232 18.63 15.87 31.71
CA LEU A 232 18.13 16.51 30.47
C LEU A 232 16.79 15.91 30.06
N SER A 233 15.86 16.76 29.64
CA SER A 233 14.59 16.32 29.01
C SER A 233 14.23 17.30 27.93
N PRO A 234 13.42 16.88 26.93
CA PRO A 234 13.00 17.83 25.90
C PRO A 234 12.17 18.98 26.47
N ASP A 235 12.42 20.18 25.96
CA ASP A 235 11.76 21.38 26.46
C ASP A 235 10.35 21.52 25.86
N LEU A 236 9.34 21.17 26.65
CA LEU A 236 7.97 21.11 26.14
C LEU A 236 7.29 22.49 25.99
N SER A 237 7.95 23.54 26.44
CA SER A 237 7.44 24.89 26.23
C SER A 237 7.61 25.35 24.78
N LYS A 238 8.44 24.67 24.00
CA LYS A 238 8.65 25.06 22.61
C LYS A 238 7.53 24.63 21.64
N VAL A 239 6.51 23.92 22.14
CA VAL A 239 5.42 23.48 21.28
C VAL A 239 4.57 24.63 20.75
N ARG A 240 4.10 24.49 19.51
CA ARG A 240 3.21 25.47 18.88
C ARG A 240 2.14 25.94 19.85
N SER A 241 1.81 27.22 19.74
CA SER A 241 0.78 27.81 20.59
C SER A 241 -0.57 27.07 20.52
N ASN A 242 -0.94 26.59 19.33
CA ASN A 242 -2.24 25.91 19.11
C ASN A 242 -2.20 24.39 19.28
N CYS A 243 -1.14 23.87 19.91
CA CYS A 243 -1.04 22.46 20.23
C CYS A 243 -1.87 22.13 21.48
N PRO A 244 -2.88 21.24 21.37
CA PRO A 244 -3.83 21.04 22.47
C PRO A 244 -3.19 20.47 23.74
N LYS A 245 -3.74 20.83 24.90
CA LYS A 245 -3.22 20.35 26.18
C LYS A 245 -3.13 18.83 26.17
N ALA A 246 -4.18 18.18 25.68
CA ALA A 246 -4.25 16.72 25.64
C ALA A 246 -3.02 16.10 24.99
N MET A 247 -2.60 16.71 23.89
CA MET A 247 -1.43 16.25 23.13
C MET A 247 -0.17 16.46 23.93
N LYS A 248 -0.09 17.62 24.56
CA LYS A 248 1.09 17.97 25.33
C LYS A 248 1.28 16.99 26.49
N ARG A 249 0.18 16.55 27.11
CA ARG A 249 0.22 15.53 28.17
C ARG A 249 0.60 14.15 27.63
N LEU A 250 0.21 13.84 26.41
CA LEU A 250 0.62 12.58 25.79
C LEU A 250 2.14 12.54 25.64
N MET A 251 2.70 13.61 25.09
CA MET A 251 4.15 13.73 25.01
C MET A 251 4.79 13.40 26.36
N ALA A 252 4.39 14.10 27.41
CA ALA A 252 5.06 13.94 28.70
C ALA A 252 5.05 12.50 29.19
N GLU A 253 3.94 11.77 28.95
CA GLU A 253 3.84 10.37 29.37
C GLU A 253 4.71 9.47 28.50
N CYS A 254 4.78 9.74 27.20
CA CYS A 254 5.64 8.95 26.34
C CYS A 254 7.10 9.17 26.66
N LEU A 255 7.44 10.33 27.19
CA LEU A 255 8.83 10.68 27.42
C LEU A 255 9.26 10.43 28.86
N LYS A 256 8.37 9.89 29.68
CA LYS A 256 8.71 9.54 31.08
C LYS A 256 10.04 8.76 31.14
N LYS A 257 10.93 9.16 32.04
CA LYS A 257 12.26 8.58 32.17
C LYS A 257 12.24 7.11 32.62
N LYS A 258 11.15 6.69 33.25
CA LYS A 258 10.94 5.31 33.68
C LYS A 258 10.13 4.51 32.66
N ARG A 259 10.67 3.37 32.22
CA ARG A 259 9.92 2.48 31.31
C ARG A 259 8.49 2.26 31.76
N ASP A 260 8.35 1.85 33.01
CA ASP A 260 7.09 1.31 33.49
C ASP A 260 5.93 2.31 33.40
N GLU A 261 6.23 3.60 33.53
CA GLU A 261 5.20 4.67 33.46
C GLU A 261 4.75 5.02 32.04
N ARG A 262 5.49 4.58 31.03
CA ARG A 262 5.19 4.94 29.65
C ARG A 262 3.99 4.12 29.19
N PRO A 263 3.05 4.74 28.46
CA PRO A 263 1.91 4.02 27.89
C PRO A 263 2.29 3.16 26.70
N LEU A 264 1.44 2.20 26.38
CA LEU A 264 1.58 1.37 25.18
C LEU A 264 0.72 1.94 24.06
N PHE A 265 0.93 1.48 22.85
CA PHE A 265 0.31 2.10 21.70
C PHE A 265 -1.22 2.01 21.62
N PRO A 266 -1.83 0.91 22.11
CA PRO A 266 -3.30 0.93 22.18
C PRO A 266 -3.87 2.16 22.91
N GLN A 267 -3.32 2.51 24.08
CA GLN A 267 -3.79 3.69 24.83
C GLN A 267 -3.44 4.99 24.11
N ILE A 268 -2.22 5.08 23.63
CA ILE A 268 -1.77 6.24 22.84
C ILE A 268 -2.71 6.51 21.67
N LEU A 269 -3.03 5.45 20.95
CA LEU A 269 -3.89 5.54 19.80
C LEU A 269 -5.26 6.03 20.21
N ALA A 270 -5.79 5.45 21.29
CA ALA A 270 -7.09 5.86 21.79
C ALA A 270 -7.04 7.33 22.19
N SER A 271 -5.96 7.72 22.87
CA SER A 271 -5.76 9.10 23.28
C SER A 271 -5.84 10.05 22.11
N ILE A 272 -5.03 9.79 21.10
CA ILE A 272 -5.03 10.66 19.93
C ILE A 272 -6.44 10.79 19.36
N GLU A 273 -7.10 9.66 19.15
CA GLU A 273 -8.43 9.64 18.52
C GLU A 273 -9.51 10.41 19.30
N LEU A 274 -9.35 10.52 20.63
CA LEU A 274 -10.30 11.27 21.45
C LEU A 274 -10.12 12.78 21.28
N LEU A 275 -8.88 13.26 21.36
CA LEU A 275 -8.60 14.69 21.18
C LEU A 275 -8.62 15.09 19.71
N ALA A 276 -8.49 14.11 18.82
CA ALA A 276 -8.54 14.35 17.38
C ALA A 276 -9.93 14.78 16.95
N ARG A 277 -10.93 13.96 17.28
CA ARG A 277 -12.33 14.26 16.94
C ARG A 277 -12.80 15.51 17.69
N SER A 278 -12.17 15.79 18.82
CA SER A 278 -12.47 16.99 19.63
C SER A 278 -11.74 18.24 19.07
N LEU A 279 -12.08 18.63 17.85
CA LEU A 279 -11.38 19.70 17.13
C LEU A 279 -12.28 20.20 15.99
N PRO A 280 -11.93 21.35 15.33
CA PRO A 280 -12.66 21.77 14.11
C PRO A 280 -11.87 21.52 12.83
N ASP B 6 4.94 -18.10 9.30
CA ASP B 6 4.55 -17.84 7.88
C ASP B 6 3.01 -17.74 7.66
N ASP B 7 2.24 -17.47 8.71
CA ASP B 7 0.78 -17.60 8.63
C ASP B 7 0.01 -16.30 8.94
N TRP B 8 -1.17 -16.18 8.35
CA TRP B 8 -1.93 -14.94 8.38
C TRP B 8 -3.28 -15.03 9.09
N GLU B 9 -3.47 -16.04 9.95
CA GLU B 9 -4.75 -16.14 10.64
C GLU B 9 -4.83 -15.04 11.69
N ILE B 10 -6.02 -14.48 11.88
CA ILE B 10 -6.25 -13.46 12.89
C ILE B 10 -7.07 -14.03 14.07
N PRO B 11 -6.50 -14.00 15.29
CA PRO B 11 -7.23 -14.56 16.44
C PRO B 11 -8.65 -14.03 16.61
N ASP B 12 -9.50 -14.87 17.18
CA ASP B 12 -10.91 -14.59 17.36
C ASP B 12 -11.12 -13.29 18.14
N GLY B 13 -12.04 -12.46 17.67
CA GLY B 13 -12.56 -11.34 18.44
C GLY B 13 -11.75 -10.06 18.43
N GLN B 14 -10.78 -9.96 17.52
CA GLN B 14 -10.02 -8.71 17.32
C GLN B 14 -10.65 -7.79 16.28
N ILE B 15 -11.47 -8.36 15.41
CA ILE B 15 -12.14 -7.61 14.36
C ILE B 15 -13.47 -7.07 14.85
N THR B 16 -13.71 -5.79 14.58
CA THR B 16 -15.02 -5.16 14.82
C THR B 16 -15.68 -4.99 13.47
N VAL B 17 -16.70 -5.79 13.21
CA VAL B 17 -17.50 -5.66 12.01
C VAL B 17 -18.45 -4.48 12.23
N GLY B 18 -18.42 -3.53 11.31
CA GLY B 18 -19.21 -2.31 11.43
C GLY B 18 -20.40 -2.29 10.49
N GLN B 19 -20.40 -1.32 9.59
CA GLN B 19 -21.54 -1.07 8.71
C GLN B 19 -21.47 -2.01 7.51
N ARG B 20 -22.62 -2.38 6.99
CA ARG B 20 -22.72 -3.27 5.83
C ARG B 20 -22.60 -2.43 4.56
N ILE B 21 -21.72 -2.84 3.64
CA ILE B 21 -21.54 -2.12 2.37
C ILE B 21 -22.32 -2.77 1.23
N GLY B 22 -22.25 -4.10 1.13
CA GLY B 22 -22.97 -4.84 0.10
C GLY B 22 -22.96 -6.34 0.34
N SER B 23 -23.88 -7.05 -0.29
CA SER B 23 -24.11 -8.45 0.03
C SER B 23 -24.68 -9.27 -1.12
N GLY B 24 -23.86 -10.12 -1.71
CA GLY B 24 -24.33 -11.19 -2.59
C GLY B 24 -24.13 -12.54 -1.92
N SER B 25 -24.46 -13.63 -2.62
CA SER B 25 -24.26 -14.98 -2.09
C SER B 25 -22.79 -15.48 -2.13
N PHE B 26 -21.86 -14.64 -2.62
CA PHE B 26 -20.42 -14.93 -2.58
C PHE B 26 -19.74 -14.17 -1.41
N GLY B 27 -20.43 -14.04 -0.28
CA GLY B 27 -19.95 -13.27 0.88
C GLY B 27 -20.66 -11.94 1.07
N THR B 28 -20.41 -11.29 2.20
CA THR B 28 -20.97 -9.97 2.49
C THR B 28 -19.82 -9.07 2.89
N VAL B 29 -19.81 -7.85 2.36
CA VAL B 29 -18.73 -6.91 2.66
C VAL B 29 -19.17 -5.85 3.68
N TYR B 30 -18.44 -5.82 4.80
CA TYR B 30 -18.63 -4.84 5.86
C TYR B 30 -17.41 -3.93 5.95
N LYS B 31 -17.63 -2.68 6.35
CA LYS B 31 -16.52 -1.82 6.80
C LYS B 31 -16.22 -2.17 8.26
N GLY B 32 -14.95 -2.42 8.57
CA GLY B 32 -14.55 -2.85 9.91
C GLY B 32 -13.35 -2.13 10.49
N LYS B 33 -12.92 -2.61 11.66
CA LYS B 33 -11.79 -2.04 12.35
C LYS B 33 -10.87 -3.14 12.86
N TRP B 34 -9.67 -3.18 12.31
CA TRP B 34 -8.59 -4.02 12.79
C TRP B 34 -7.33 -3.25 12.48
N HIS B 35 -6.65 -2.77 13.51
CA HIS B 35 -5.49 -1.89 13.31
C HIS B 35 -5.78 -0.81 12.27
N GLY B 36 -6.97 -0.22 12.39
CA GLY B 36 -7.42 0.86 11.50
C GLY B 36 -8.66 0.46 10.71
N ASP B 37 -9.08 1.32 9.79
CA ASP B 37 -10.16 0.99 8.88
C ASP B 37 -9.75 -0.14 7.93
N VAL B 38 -10.58 -1.18 7.86
CA VAL B 38 -10.34 -2.35 7.02
C VAL B 38 -11.63 -2.77 6.38
N ALA B 39 -11.54 -3.40 5.20
CA ALA B 39 -12.70 -4.05 4.58
C ALA B 39 -12.76 -5.52 4.99
N VAL B 40 -13.97 -6.01 5.26
CA VAL B 40 -14.15 -7.38 5.71
C VAL B 40 -15.21 -8.07 4.85
N LYS B 41 -14.77 -9.06 4.07
CA LYS B 41 -15.66 -9.89 3.27
C LYS B 41 -15.85 -11.19 4.01
N MET B 42 -17.02 -11.42 4.57
CA MET B 42 -17.26 -12.65 5.34
C MET B 42 -18.50 -13.42 4.89
N LEU B 43 -18.40 -14.75 4.95
CA LEU B 43 -19.54 -15.60 4.68
C LEU B 43 -20.46 -15.61 5.90
N ASN B 44 -21.74 -15.39 5.64
CA ASN B 44 -22.71 -15.17 6.69
C ASN B 44 -23.57 -16.42 6.90
N VAL B 45 -22.91 -17.53 7.27
CA VAL B 45 -23.58 -18.82 7.40
C VAL B 45 -23.26 -19.55 8.70
N THR B 46 -24.15 -20.45 9.08
CA THR B 46 -23.97 -21.34 10.22
C THR B 46 -22.79 -22.29 10.00
N ALA B 47 -22.75 -22.92 8.82
CA ALA B 47 -21.80 -24.00 8.52
C ALA B 47 -21.44 -24.01 7.03
N PRO B 48 -20.19 -23.65 6.69
CA PRO B 48 -19.78 -23.61 5.28
C PRO B 48 -19.76 -24.97 4.60
N THR B 49 -20.21 -25.04 3.34
CA THR B 49 -20.19 -26.31 2.58
C THR B 49 -18.84 -26.45 1.87
N PRO B 50 -18.36 -27.71 1.69
CA PRO B 50 -17.05 -28.02 1.11
C PRO B 50 -16.55 -27.13 -0.03
N GLN B 51 -17.42 -26.71 -0.94
CA GLN B 51 -17.01 -25.84 -2.07
C GLN B 51 -17.01 -24.33 -1.76
N GLN B 52 -17.77 -23.93 -0.74
CA GLN B 52 -17.61 -22.59 -0.16
C GLN B 52 -16.24 -22.48 0.52
N LEU B 53 -15.91 -23.51 1.31
CA LEU B 53 -14.62 -23.62 1.98
C LEU B 53 -13.47 -23.63 0.99
N GLN B 54 -13.69 -24.21 -0.19
CA GLN B 54 -12.67 -24.19 -1.24
C GLN B 54 -12.53 -22.84 -1.91
N ALA B 55 -13.64 -22.16 -2.18
CA ALA B 55 -13.59 -20.81 -2.80
C ALA B 55 -12.78 -19.84 -1.93
N PHE B 56 -13.06 -19.88 -0.63
CA PHE B 56 -12.35 -19.12 0.39
C PHE B 56 -10.84 -19.37 0.31
N LYS B 57 -10.44 -20.64 0.34
CA LYS B 57 -9.02 -21.00 0.28
C LYS B 57 -8.35 -20.55 -1.03
N ASN B 58 -9.03 -20.70 -2.16
CA ASN B 58 -8.52 -20.20 -3.44
C ASN B 58 -8.33 -18.70 -3.45
N GLU B 59 -9.31 -17.96 -2.93
CA GLU B 59 -9.24 -16.50 -2.87
C GLU B 59 -8.11 -16.06 -1.96
N VAL B 60 -8.01 -16.67 -0.79
CA VAL B 60 -6.93 -16.35 0.15
C VAL B 60 -5.60 -16.78 -0.45
N GLY B 61 -5.55 -17.96 -1.03
CA GLY B 61 -4.35 -18.44 -1.71
C GLY B 61 -3.82 -17.43 -2.72
N VAL B 62 -4.71 -16.69 -3.37
CA VAL B 62 -4.32 -15.79 -4.46
C VAL B 62 -3.90 -14.42 -3.94
N LEU B 63 -4.74 -13.86 -3.08
CA LEU B 63 -4.41 -12.61 -2.42
C LEU B 63 -3.06 -12.66 -1.71
N ARG B 64 -2.78 -13.72 -0.98
CA ARG B 64 -1.48 -13.83 -0.29
C ARG B 64 -0.26 -13.94 -1.24
N LYS B 65 -0.48 -14.23 -2.53
CA LYS B 65 0.60 -14.14 -3.53
C LYS B 65 0.89 -12.71 -4.01
N THR B 66 0.13 -11.70 -3.56
CA THR B 66 0.30 -10.32 -4.05
C THR B 66 0.92 -9.33 -3.03
N ARG B 67 1.87 -8.54 -3.54
CA ARG B 67 2.45 -7.40 -2.82
C ARG B 67 2.87 -6.35 -3.85
N HIS B 68 1.91 -5.49 -4.19
CA HIS B 68 2.11 -4.48 -5.21
C HIS B 68 1.14 -3.32 -4.98
N VAL B 69 1.64 -2.12 -5.20
CA VAL B 69 0.94 -0.86 -4.85
C VAL B 69 -0.45 -0.73 -5.47
N ASN B 70 -0.59 -1.29 -6.67
CA ASN B 70 -1.82 -1.23 -7.46
C ASN B 70 -2.75 -2.46 -7.30
N ILE B 71 -2.40 -3.36 -6.39
CA ILE B 71 -3.30 -4.45 -6.01
C ILE B 71 -3.82 -4.16 -4.61
N LEU B 72 -5.10 -4.40 -4.40
CA LEU B 72 -5.71 -4.26 -3.07
C LEU B 72 -4.87 -4.99 -2.01
N LEU B 73 -4.55 -4.29 -0.93
CA LEU B 73 -3.72 -4.89 0.10
C LEU B 73 -4.52 -5.87 0.97
N PHE B 74 -4.23 -7.14 0.80
CA PHE B 74 -4.71 -8.19 1.69
C PHE B 74 -3.99 -8.08 3.02
N MET B 75 -4.69 -8.27 4.13
CA MET B 75 -4.09 -8.15 5.46
C MET B 75 -4.16 -9.41 6.33
N GLY B 76 -5.16 -10.24 6.09
CA GLY B 76 -5.33 -11.45 6.88
C GLY B 76 -6.72 -12.03 6.77
N TYR B 77 -6.90 -13.18 7.42
CA TYR B 77 -8.17 -13.89 7.38
C TYR B 77 -8.50 -14.49 8.75
N SER B 78 -9.78 -14.72 8.98
CA SER B 78 -10.22 -15.50 10.13
C SER B 78 -11.23 -16.52 9.65
N THR B 79 -11.15 -17.72 10.24
CA THR B 79 -12.22 -18.71 10.13
C THR B 79 -12.92 -18.86 11.46
N LYS B 80 -12.46 -18.11 12.46
CA LYS B 80 -12.78 -18.38 13.87
C LYS B 80 -14.27 -18.33 14.17
N PRO B 81 -14.90 -17.13 14.21
CA PRO B 81 -16.36 -17.15 14.38
C PRO B 81 -17.07 -17.49 13.06
N GLN B 82 -16.56 -16.92 11.97
CA GLN B 82 -17.00 -17.23 10.60
C GLN B 82 -15.81 -17.10 9.65
N LEU B 83 -15.99 -17.56 8.42
CA LEU B 83 -14.98 -17.40 7.37
C LEU B 83 -14.96 -15.94 6.94
N ALA B 84 -13.77 -15.33 6.93
CA ALA B 84 -13.65 -13.91 6.57
C ALA B 84 -12.26 -13.54 6.05
N ILE B 85 -12.24 -12.56 5.15
CA ILE B 85 -11.02 -12.02 4.59
C ILE B 85 -10.96 -10.51 4.87
N VAL B 86 -9.81 -10.05 5.36
CA VAL B 86 -9.62 -8.65 5.71
C VAL B 86 -8.66 -8.01 4.75
N THR B 87 -9.06 -6.89 4.15
CA THR B 87 -8.16 -6.11 3.32
C THR B 87 -8.16 -4.68 3.77
N GLN B 88 -7.27 -3.88 3.19
CA GLN B 88 -7.30 -2.45 3.44
C GLN B 88 -8.65 -1.90 3.03
N TRP B 89 -9.05 -0.80 3.68
CA TRP B 89 -10.22 -0.04 3.31
C TRP B 89 -9.79 0.99 2.29
N CYS B 90 -10.54 1.18 1.21
CA CYS B 90 -10.19 2.20 0.23
C CYS B 90 -11.08 3.45 0.32
N GLU B 91 -10.48 4.62 0.10
CA GLU B 91 -11.14 5.90 0.29
C GLU B 91 -11.42 6.50 -1.07
N GLY B 92 -12.67 6.84 -1.32
CA GLY B 92 -13.09 7.38 -2.62
C GLY B 92 -14.17 6.54 -3.26
N SER B 93 -13.91 6.06 -4.47
CA SER B 93 -14.90 5.32 -5.25
C SER B 93 -14.31 4.70 -6.50
N SER B 94 -15.09 3.85 -7.14
CA SER B 94 -14.59 3.07 -8.27
C SER B 94 -14.46 3.93 -9.52
N LEU B 95 -13.66 3.42 -10.44
CA LEU B 95 -13.51 4.05 -11.74
C LEU B 95 -14.84 4.06 -12.48
N TYR B 96 -15.61 2.97 -12.36
CA TYR B 96 -16.96 2.92 -12.93
C TYR B 96 -17.78 4.11 -12.44
N HIS B 97 -17.84 4.27 -11.12
CA HIS B 97 -18.60 5.34 -10.47
C HIS B 97 -18.19 6.76 -10.94
N HIS B 98 -16.88 6.98 -11.07
CA HIS B 98 -16.36 8.24 -11.57
C HIS B 98 -16.79 8.50 -12.99
N LEU B 99 -16.63 7.47 -13.83
CA LEU B 99 -16.81 7.63 -15.26
C LEU B 99 -18.27 7.73 -15.67
N HIS B 100 -19.14 6.98 -14.99
CA HIS B 100 -20.50 6.77 -15.48
C HIS B 100 -21.59 7.23 -14.52
N ILE B 101 -21.25 7.54 -13.28
CA ILE B 101 -22.26 7.92 -12.30
C ILE B 101 -22.14 9.42 -12.00
N ILE B 102 -21.12 9.82 -11.23
CA ILE B 102 -20.92 11.26 -10.98
C ILE B 102 -20.25 11.97 -12.16
N GLU B 103 -19.89 11.20 -13.19
CA GLU B 103 -19.35 11.73 -14.44
C GLU B 103 -18.23 12.76 -14.21
N THR B 104 -17.21 12.31 -13.49
CA THR B 104 -16.03 13.13 -13.23
C THR B 104 -15.29 13.39 -14.54
N LYS B 105 -14.92 14.65 -14.76
CA LYS B 105 -14.16 15.06 -15.94
C LYS B 105 -12.66 15.16 -15.64
N PHE B 106 -11.93 14.08 -15.89
CA PHE B 106 -10.49 14.01 -15.69
C PHE B 106 -9.75 14.63 -16.87
N GLU B 107 -8.63 15.31 -16.62
CA GLU B 107 -7.75 15.72 -17.71
C GLU B 107 -7.11 14.46 -18.34
N MET B 108 -6.64 14.58 -19.59
CA MET B 108 -6.05 13.43 -20.28
C MET B 108 -4.78 12.94 -19.58
N ILE B 109 -4.02 13.86 -19.00
CA ILE B 109 -2.83 13.51 -18.22
C ILE B 109 -3.15 12.40 -17.20
N LYS B 110 -4.32 12.49 -16.57
CA LYS B 110 -4.70 11.54 -15.51
C LYS B 110 -5.31 10.25 -16.06
N LEU B 111 -6.14 10.37 -17.10
CA LEU B 111 -6.72 9.20 -17.74
C LEU B 111 -5.61 8.25 -18.20
N ILE B 112 -4.54 8.83 -18.73
CA ILE B 112 -3.40 8.04 -19.16
C ILE B 112 -2.68 7.48 -17.94
N ASP B 113 -2.54 8.30 -16.91
CA ASP B 113 -1.95 7.81 -15.69
C ASP B 113 -2.77 6.67 -15.07
N ILE B 114 -4.10 6.78 -15.10
CA ILE B 114 -4.93 5.70 -14.58
C ILE B 114 -4.74 4.44 -15.43
N ALA B 115 -4.68 4.63 -16.75
CA ALA B 115 -4.40 3.53 -17.67
C ALA B 115 -3.07 2.88 -17.33
N ARG B 116 -2.07 3.69 -17.03
CA ARG B 116 -0.74 3.14 -16.73
C ARG B 116 -0.74 2.27 -15.48
N GLN B 117 -1.34 2.78 -14.41
CA GLN B 117 -1.34 2.06 -13.16
C GLN B 117 -2.10 0.77 -13.25
N THR B 118 -3.25 0.79 -13.91
CA THR B 118 -4.05 -0.41 -14.15
C THR B 118 -3.21 -1.42 -14.89
N ALA B 119 -2.50 -0.97 -15.93
CA ALA B 119 -1.62 -1.88 -16.65
C ALA B 119 -0.48 -2.38 -15.76
N GLN B 120 -0.06 -1.55 -14.83
CA GLN B 120 1.09 -1.89 -14.00
C GLN B 120 0.72 -3.07 -13.13
N GLY B 121 -0.43 -2.96 -12.47
CA GLY B 121 -0.94 -4.03 -11.64
C GLY B 121 -1.27 -5.31 -12.40
N MET B 122 -1.78 -5.17 -13.61
CA MET B 122 -2.16 -6.33 -14.41
C MET B 122 -0.95 -7.11 -14.90
N ASP B 123 0.15 -6.40 -15.11
CA ASP B 123 1.38 -7.04 -15.48
C ASP B 123 1.92 -7.81 -14.29
N TYR B 124 1.75 -7.25 -13.10
CA TYR B 124 2.16 -7.93 -11.87
C TYR B 124 1.43 -9.26 -11.70
N LEU B 125 0.11 -9.22 -11.86
CA LEU B 125 -0.68 -10.42 -11.71
C LEU B 125 -0.21 -11.52 -12.67
N HIS B 126 -0.17 -11.20 -13.95
CA HIS B 126 0.24 -12.14 -14.99
C HIS B 126 1.66 -12.70 -14.84
N ALA B 127 2.55 -11.91 -14.25
CA ALA B 127 3.90 -12.38 -13.93
C ALA B 127 3.85 -13.41 -12.79
N LYS B 128 2.92 -13.23 -11.86
CA LYS B 128 2.64 -14.21 -10.80
C LYS B 128 1.67 -15.32 -11.25
N SER B 129 1.30 -15.35 -12.53
CA SER B 129 0.43 -16.38 -13.09
C SER B 129 -1.03 -16.32 -12.59
N ILE B 130 -1.47 -15.12 -12.21
CA ILE B 130 -2.85 -14.93 -11.79
C ILE B 130 -3.66 -14.30 -12.92
N ILE B 131 -4.64 -15.03 -13.42
CA ILE B 131 -5.61 -14.46 -14.36
C ILE B 131 -6.81 -13.90 -13.57
N HIS B 132 -7.09 -12.61 -13.76
CA HIS B 132 -8.12 -11.90 -13.01
C HIS B 132 -9.52 -12.44 -13.29
N ARG B 133 -9.85 -12.55 -14.58
CA ARG B 133 -11.12 -13.12 -15.08
C ARG B 133 -12.33 -12.20 -15.09
N ASP B 134 -12.29 -11.11 -14.33
CA ASP B 134 -13.42 -10.19 -14.22
C ASP B 134 -12.91 -8.77 -14.04
N LEU B 135 -11.99 -8.36 -14.91
CA LEU B 135 -11.49 -7.00 -14.90
C LEU B 135 -12.56 -6.10 -15.52
N LYS B 136 -12.88 -5.03 -14.82
CA LYS B 136 -13.81 -4.01 -15.29
C LYS B 136 -13.74 -2.78 -14.38
N SER B 137 -14.20 -1.65 -14.87
CA SER B 137 -14.06 -0.40 -14.16
C SER B 137 -14.65 -0.36 -12.74
N ASN B 138 -15.62 -1.20 -12.40
CA ASN B 138 -16.08 -1.22 -10.99
C ASN B 138 -15.24 -2.13 -10.11
N ASN B 139 -14.28 -2.81 -10.70
CA ASN B 139 -13.27 -3.55 -9.95
C ASN B 139 -11.94 -2.80 -9.91
N ILE B 140 -12.00 -1.48 -10.13
CA ILE B 140 -10.81 -0.64 -10.11
C ILE B 140 -11.11 0.57 -9.25
N PHE B 141 -10.55 0.57 -8.04
CA PHE B 141 -10.86 1.58 -7.06
C PHE B 141 -9.85 2.71 -7.22
N LEU B 142 -10.31 3.95 -7.20
CA LEU B 142 -9.41 5.09 -7.30
C LEU B 142 -9.16 5.62 -5.88
N HIS B 143 -8.13 5.06 -5.24
CA HIS B 143 -7.85 5.25 -3.82
C HIS B 143 -7.25 6.61 -3.53
N GLU B 144 -7.85 7.30 -2.56
CA GLU B 144 -7.52 8.71 -2.28
C GLU B 144 -7.46 9.56 -3.57
N ASP B 145 -8.26 9.17 -4.55
CA ASP B 145 -8.33 9.83 -5.85
C ASP B 145 -7.03 9.88 -6.66
N LEU B 146 -6.04 9.08 -6.32
CA LEU B 146 -4.84 9.05 -7.15
C LEU B 146 -4.07 7.75 -7.27
N THR B 147 -4.49 6.68 -6.60
CA THR B 147 -3.86 5.36 -6.81
C THR B 147 -4.84 4.25 -7.22
N VAL B 148 -4.55 3.58 -8.32
CA VAL B 148 -5.39 2.46 -8.78
C VAL B 148 -5.21 1.25 -7.89
N LYS B 149 -6.31 0.76 -7.31
CA LYS B 149 -6.30 -0.49 -6.58
C LYS B 149 -7.21 -1.52 -7.26
N ILE B 150 -6.61 -2.50 -7.93
CA ILE B 150 -7.33 -3.60 -8.58
C ILE B 150 -7.79 -4.64 -7.56
N GLY B 151 -9.01 -5.17 -7.73
CA GLY B 151 -9.54 -6.22 -6.85
C GLY B 151 -10.88 -6.77 -7.31
N ASP B 152 -11.66 -7.32 -6.38
CA ASP B 152 -13.07 -7.62 -6.66
C ASP B 152 -13.96 -6.83 -5.70
N PHE B 153 -14.66 -5.82 -6.25
CA PHE B 153 -15.57 -4.96 -5.50
C PHE B 153 -16.99 -5.21 -6.01
N GLY B 154 -17.49 -6.41 -5.74
CA GLY B 154 -18.80 -6.86 -6.20
C GLY B 154 -19.94 -5.91 -5.86
N LEU B 155 -20.38 -5.93 -4.60
CA LEU B 155 -21.48 -5.07 -4.16
C LEU B 155 -21.07 -4.27 -2.92
N GLY B 173 -23.74 -11.64 -14.76
CA GLY B 173 -22.34 -11.28 -14.94
C GLY B 173 -22.16 -10.04 -15.80
N SER B 174 -20.92 -9.76 -16.18
CA SER B 174 -20.57 -8.49 -16.78
C SER B 174 -19.98 -8.63 -18.19
N ILE B 175 -20.85 -8.31 -19.14
CA ILE B 175 -20.78 -8.78 -20.51
C ILE B 175 -19.94 -7.85 -21.38
N LEU B 176 -19.94 -6.56 -21.03
CA LEU B 176 -19.32 -5.57 -21.88
C LEU B 176 -17.79 -5.72 -21.93
N TRP B 177 -17.22 -6.37 -20.92
CA TRP B 177 -15.76 -6.55 -20.85
C TRP B 177 -15.32 -7.92 -21.35
N MET B 178 -16.27 -8.77 -21.74
CA MET B 178 -15.92 -10.12 -22.17
C MET B 178 -15.46 -10.19 -23.62
N ALA B 179 -14.32 -10.84 -23.82
CA ALA B 179 -13.79 -11.13 -25.14
C ALA B 179 -14.75 -12.01 -25.89
N PRO B 180 -14.66 -12.00 -27.24
CA PRO B 180 -15.52 -12.83 -28.05
C PRO B 180 -15.41 -14.31 -27.75
N GLU B 181 -14.19 -14.82 -27.53
CA GLU B 181 -14.05 -16.26 -27.24
C GLU B 181 -14.67 -16.63 -25.90
N VAL B 182 -14.70 -15.68 -24.97
CA VAL B 182 -15.33 -15.90 -23.65
C VAL B 182 -16.84 -15.97 -23.81
N ILE B 183 -17.42 -15.03 -24.55
CA ILE B 183 -18.86 -15.00 -24.77
C ILE B 183 -19.36 -16.26 -25.42
N ARG B 184 -18.74 -16.64 -26.52
CA ARG B 184 -19.06 -17.90 -27.20
C ARG B 184 -19.14 -19.08 -26.22
N MET B 185 -18.13 -19.19 -25.36
CA MET B 185 -18.10 -20.23 -24.34
C MET B 185 -18.17 -21.60 -25.01
N GLN B 186 -17.18 -21.87 -25.85
CA GLN B 186 -17.03 -23.15 -26.54
C GLN B 186 -16.25 -24.14 -25.68
N ASP B 187 -15.39 -23.60 -24.83
CA ASP B 187 -14.45 -24.41 -24.07
C ASP B 187 -14.83 -24.44 -22.59
N LYS B 188 -14.45 -25.53 -21.92
CA LYS B 188 -14.48 -25.61 -20.46
C LYS B 188 -13.82 -24.35 -19.87
N ASN B 189 -12.69 -23.92 -20.45
CA ASN B 189 -11.97 -22.72 -20.00
C ASN B 189 -11.46 -21.85 -21.16
N PRO B 190 -12.17 -20.74 -21.45
CA PRO B 190 -11.80 -19.79 -22.50
C PRO B 190 -11.00 -18.59 -22.01
N TYR B 191 -10.63 -18.61 -20.72
CA TYR B 191 -9.96 -17.49 -20.09
C TYR B 191 -8.46 -17.62 -20.30
N SER B 192 -7.81 -16.48 -20.49
CA SER B 192 -6.38 -16.44 -20.77
C SER B 192 -5.83 -15.11 -20.33
N PHE B 193 -4.51 -14.93 -20.40
CA PHE B 193 -3.91 -13.60 -20.23
C PHE B 193 -4.53 -12.64 -21.24
N GLN B 194 -4.85 -13.16 -22.42
CA GLN B 194 -5.38 -12.33 -23.49
C GLN B 194 -6.86 -11.96 -23.33
N SER B 195 -7.63 -12.68 -22.52
CA SER B 195 -9.00 -12.24 -22.26
C SER B 195 -8.93 -11.08 -21.27
N ASP B 196 -8.00 -11.16 -20.30
CA ASP B 196 -7.74 -10.03 -19.42
C ASP B 196 -7.29 -8.79 -20.22
N VAL B 197 -6.45 -8.98 -21.23
CA VAL B 197 -6.07 -7.86 -22.09
C VAL B 197 -7.30 -7.16 -22.75
N TYR B 198 -8.18 -7.94 -23.38
CA TYR B 198 -9.41 -7.41 -23.95
C TYR B 198 -10.23 -6.61 -22.95
N ALA B 199 -10.47 -7.16 -21.77
CA ALA B 199 -11.17 -6.41 -20.72
C ALA B 199 -10.45 -5.09 -20.45
N PHE B 200 -9.13 -5.14 -20.29
CA PHE B 200 -8.34 -3.92 -20.20
C PHE B 200 -8.63 -2.96 -21.36
N GLY B 201 -8.78 -3.52 -22.56
CA GLY B 201 -9.08 -2.77 -23.75
C GLY B 201 -10.41 -2.06 -23.65
N ILE B 202 -11.41 -2.72 -23.10
CA ILE B 202 -12.70 -2.07 -22.90
C ILE B 202 -12.60 -0.97 -21.87
N VAL B 203 -11.76 -1.16 -20.86
CA VAL B 203 -11.57 -0.15 -19.83
C VAL B 203 -10.89 1.07 -20.43
N LEU B 204 -9.93 0.85 -21.33
CA LEU B 204 -9.34 1.94 -22.09
C LEU B 204 -10.39 2.71 -22.88
N TYR B 205 -11.41 2.00 -23.36
CA TYR B 205 -12.49 2.65 -24.04
C TYR B 205 -13.27 3.56 -23.10
N GLU B 206 -13.57 3.07 -21.91
CA GLU B 206 -14.30 3.88 -20.95
C GLU B 206 -13.52 5.14 -20.61
N LEU B 207 -12.22 5.01 -20.37
CA LEU B 207 -11.41 6.15 -19.94
C LEU B 207 -11.42 7.22 -21.00
N MET B 208 -11.31 6.77 -22.24
CA MET B 208 -11.01 7.63 -23.36
C MET B 208 -12.29 8.20 -23.97
N THR B 209 -13.45 7.67 -23.58
CA THR B 209 -14.74 8.17 -24.08
C THR B 209 -15.69 8.65 -22.98
N GLY B 210 -15.46 8.20 -21.75
CA GLY B 210 -16.37 8.48 -20.65
C GLY B 210 -17.63 7.64 -20.73
N GLN B 211 -17.67 6.70 -21.66
CA GLN B 211 -18.91 5.99 -21.96
C GLN B 211 -18.73 4.49 -21.92
N LEU B 212 -19.83 3.79 -21.67
CA LEU B 212 -19.87 2.35 -21.82
C LEU B 212 -20.05 2.05 -23.30
N PRO B 213 -19.44 0.96 -23.79
CA PRO B 213 -19.64 0.57 -25.18
C PRO B 213 -21.07 0.13 -25.49
N TYR B 214 -21.42 0.17 -26.78
CA TYR B 214 -22.70 -0.31 -27.29
C TYR B 214 -23.95 0.42 -26.73
N SER B 215 -23.82 1.68 -26.37
CA SER B 215 -24.95 2.38 -25.76
C SER B 215 -26.17 2.54 -26.70
N ASN B 216 -25.98 2.37 -28.01
CA ASN B 216 -27.11 2.44 -29.00
C ASN B 216 -27.98 1.17 -29.12
N ILE B 217 -27.72 0.17 -28.29
CA ILE B 217 -28.39 -1.13 -28.38
C ILE B 217 -29.01 -1.48 -27.04
N ASN B 218 -30.33 -1.63 -27.00
CA ASN B 218 -31.05 -1.88 -25.73
C ASN B 218 -31.30 -3.36 -25.40
N ASN B 219 -30.70 -4.29 -26.13
CA ASN B 219 -30.99 -5.72 -25.97
C ASN B 219 -29.77 -6.53 -25.61
N ARG B 220 -29.77 -7.11 -24.42
CA ARG B 220 -28.58 -7.80 -23.91
C ARG B 220 -28.18 -9.05 -24.72
N ASP B 221 -29.17 -9.81 -25.18
CA ASP B 221 -28.90 -11.06 -25.91
C ASP B 221 -28.31 -10.79 -27.28
N GLN B 222 -28.65 -9.64 -27.85
CA GLN B 222 -28.12 -9.26 -29.14
C GLN B 222 -26.67 -8.79 -29.04
N ILE B 223 -26.34 -8.07 -27.98
CA ILE B 223 -24.96 -7.71 -27.76
C ILE B 223 -24.15 -8.98 -27.59
N ILE B 224 -24.68 -9.88 -26.77
CA ILE B 224 -24.01 -11.15 -26.56
C ILE B 224 -23.73 -11.81 -27.92
N PHE B 225 -24.77 -11.93 -28.74
CA PHE B 225 -24.66 -12.67 -30.00
C PHE B 225 -23.62 -12.06 -30.92
N MET B 226 -23.75 -10.76 -31.14
CA MET B 226 -22.95 -10.09 -32.16
C MET B 226 -21.48 -9.87 -31.78
N VAL B 227 -21.21 -9.61 -30.51
CA VAL B 227 -19.82 -9.53 -30.09
C VAL B 227 -19.19 -10.91 -30.26
N GLY B 228 -19.93 -11.95 -29.86
CA GLY B 228 -19.45 -13.32 -30.03
C GLY B 228 -19.11 -13.66 -31.48
N ARG B 229 -19.92 -13.14 -32.38
CA ARG B 229 -19.79 -13.41 -33.81
C ARG B 229 -18.83 -12.47 -34.53
N GLY B 230 -18.37 -11.42 -33.86
CA GLY B 230 -17.55 -10.41 -34.52
C GLY B 230 -18.36 -9.35 -35.26
N TYR B 231 -19.69 -9.38 -35.17
CA TYR B 231 -20.49 -8.39 -35.89
C TYR B 231 -20.51 -7.03 -35.20
N LEU B 232 -20.16 -7.00 -33.91
CA LEU B 232 -20.23 -5.79 -33.08
C LEU B 232 -18.90 -5.56 -32.43
N SER B 233 -18.43 -4.32 -32.41
CA SER B 233 -17.25 -3.97 -31.64
C SER B 233 -17.26 -2.48 -31.31
N PRO B 234 -16.47 -2.04 -30.32
CA PRO B 234 -16.56 -0.68 -29.82
C PRO B 234 -16.27 0.35 -30.88
N ASP B 235 -17.01 1.46 -30.85
CA ASP B 235 -16.84 2.51 -31.83
C ASP B 235 -15.72 3.44 -31.38
N LEU B 236 -14.58 3.36 -32.05
CA LEU B 236 -13.43 4.15 -31.61
C LEU B 236 -13.48 5.61 -31.98
N SER B 237 -14.46 6.02 -32.78
CA SER B 237 -14.57 7.44 -33.15
C SER B 237 -15.09 8.31 -32.00
N LYS B 238 -15.57 7.69 -30.95
CA LYS B 238 -16.08 8.43 -29.79
C LYS B 238 -15.01 8.83 -28.80
N VAL B 239 -13.75 8.51 -29.09
CA VAL B 239 -12.68 8.92 -28.20
C VAL B 239 -12.52 10.42 -28.28
N ARG B 240 -12.09 11.01 -27.17
CA ARG B 240 -12.01 12.47 -27.05
C ARG B 240 -10.92 12.97 -28.00
N SER B 241 -11.08 14.21 -28.46
CA SER B 241 -10.24 14.75 -29.54
C SER B 241 -8.75 14.85 -29.20
N ASN B 242 -8.43 14.91 -27.92
CA ASN B 242 -7.04 15.01 -27.50
C ASN B 242 -6.45 13.69 -27.01
N CYS B 243 -7.14 12.58 -27.30
CA CYS B 243 -6.60 11.25 -27.01
C CYS B 243 -5.57 10.92 -28.06
N PRO B 244 -4.28 10.87 -27.68
CA PRO B 244 -3.22 10.74 -28.67
C PRO B 244 -3.36 9.49 -29.54
N LYS B 245 -2.92 9.60 -30.79
CA LYS B 245 -3.09 8.53 -31.77
C LYS B 245 -2.47 7.21 -31.31
N ALA B 246 -1.34 7.27 -30.62
CA ALA B 246 -0.74 6.08 -30.03
C ALA B 246 -1.75 5.27 -29.18
N MET B 247 -2.58 5.97 -28.41
CA MET B 247 -3.52 5.35 -27.47
C MET B 247 -4.69 4.68 -28.17
N LYS B 248 -5.26 5.36 -29.17
CA LYS B 248 -6.28 4.75 -30.03
C LYS B 248 -5.79 3.47 -30.67
N ARG B 249 -4.58 3.55 -31.22
CA ARG B 249 -3.91 2.41 -31.81
C ARG B 249 -3.73 1.30 -30.78
N LEU B 250 -3.34 1.67 -29.55
CA LEU B 250 -3.14 0.67 -28.50
C LEU B 250 -4.46 -0.02 -28.14
N MET B 251 -5.49 0.78 -27.94
CA MET B 251 -6.84 0.31 -27.72
C MET B 251 -7.25 -0.72 -28.78
N ALA B 252 -6.98 -0.38 -30.03
CA ALA B 252 -7.39 -1.22 -31.15
C ALA B 252 -6.79 -2.63 -31.06
N GLU B 253 -5.53 -2.70 -30.66
CA GLU B 253 -4.82 -3.98 -30.53
C GLU B 253 -5.35 -4.82 -29.37
N CYS B 254 -5.62 -4.17 -28.25
CA CYS B 254 -6.23 -4.85 -27.11
C CYS B 254 -7.62 -5.40 -27.45
N LEU B 255 -8.32 -4.78 -28.39
CA LEU B 255 -9.69 -5.17 -28.69
C LEU B 255 -9.82 -6.13 -29.86
N LYS B 256 -8.70 -6.53 -30.48
CA LYS B 256 -8.76 -7.46 -31.61
C LYS B 256 -9.53 -8.69 -31.22
N LYS B 257 -10.19 -9.31 -32.18
CA LYS B 257 -11.13 -10.39 -31.92
C LYS B 257 -10.44 -11.75 -31.82
N LYS B 258 -9.27 -11.88 -32.43
CA LYS B 258 -8.45 -13.08 -32.31
C LYS B 258 -7.49 -12.90 -31.11
N ARG B 259 -7.61 -13.79 -30.12
CA ARG B 259 -6.72 -13.87 -28.94
C ARG B 259 -5.26 -13.63 -29.24
N ASP B 260 -4.76 -14.36 -30.22
CA ASP B 260 -3.33 -14.51 -30.46
C ASP B 260 -2.75 -13.21 -31.02
N GLU B 261 -3.62 -12.40 -31.59
CA GLU B 261 -3.23 -11.08 -32.12
C GLU B 261 -3.21 -9.98 -31.07
N ARG B 262 -3.76 -10.24 -29.88
CA ARG B 262 -3.73 -9.24 -28.82
C ARG B 262 -2.35 -9.28 -28.20
N PRO B 263 -1.82 -8.11 -27.84
CA PRO B 263 -0.53 -8.05 -27.19
C PRO B 263 -0.64 -8.46 -25.72
N LEU B 264 0.49 -8.79 -25.12
CA LEU B 264 0.54 -9.09 -23.69
C LEU B 264 0.84 -7.80 -22.94
N PHE B 265 0.95 -7.88 -21.62
CA PHE B 265 1.01 -6.66 -20.82
C PHE B 265 2.34 -5.91 -20.80
N PRO B 266 3.47 -6.62 -20.77
CA PRO B 266 4.71 -5.87 -20.89
C PRO B 266 4.73 -4.92 -22.11
N GLN B 267 4.18 -5.38 -23.24
CA GLN B 267 4.09 -4.56 -24.45
C GLN B 267 3.16 -3.35 -24.23
N ILE B 268 2.06 -3.58 -23.54
CA ILE B 268 1.10 -2.51 -23.24
C ILE B 268 1.75 -1.49 -22.32
N LEU B 269 2.39 -1.97 -21.27
CA LEU B 269 3.06 -1.09 -20.31
C LEU B 269 4.12 -0.27 -21.05
N ALA B 270 4.89 -0.94 -21.89
CA ALA B 270 5.91 -0.28 -22.70
C ALA B 270 5.32 0.77 -23.64
N SER B 271 4.20 0.48 -24.28
CA SER B 271 3.57 1.43 -25.21
C SER B 271 3.05 2.66 -24.50
N ILE B 272 2.44 2.46 -23.33
CA ILE B 272 1.92 3.55 -22.54
C ILE B 272 3.04 4.42 -21.96
N GLU B 273 4.06 3.78 -21.39
CA GLU B 273 5.23 4.50 -20.88
C GLU B 273 5.92 5.36 -21.95
N LEU B 274 5.87 4.92 -23.20
CA LEU B 274 6.45 5.66 -24.32
C LEU B 274 5.74 6.99 -24.58
N LEU B 275 4.42 6.94 -24.77
CA LEU B 275 3.65 8.15 -25.08
C LEU B 275 3.42 9.00 -23.84
N ALA B 276 3.42 8.37 -22.66
CA ALA B 276 3.36 9.10 -21.40
C ALA B 276 4.43 10.19 -21.37
N ARG B 277 5.69 9.78 -21.48
CA ARG B 277 6.82 10.71 -21.31
C ARG B 277 6.81 11.84 -22.35
N SER B 278 6.33 11.55 -23.56
CA SER B 278 6.31 12.54 -24.63
C SER B 278 5.11 13.47 -24.53
#